data_1QWG
#
_entry.id   1QWG
#
_cell.length_a   93.789
_cell.length_b   93.789
_cell.length_c   93.789
_cell.angle_alpha   90.00
_cell.angle_beta   90.00
_cell.angle_gamma   90.00
#
_symmetry.space_group_name_H-M   'P 21 3'
#
loop_
_entity.id
_entity.type
_entity.pdbx_description
1 polymer '(2R)-phospho-3-sulfolactate synthase'
2 non-polymer 'SULFATE ION'
3 water water
#
_entity_poly.entity_id   1
_entity_poly.type   'polypeptide(L)'
_entity_poly.pdbx_seq_one_letter_code
;MKAFEFLYEDFQRGLTVVLDKGLPPKFVEDYLKVCGDYIDFVKFGWGTSAVIDRDVVKEKINYYKDWGIKVYPGGTLFEY
AYSKGKFDEFLNECEKLGFEAVEISDGSSDISLEERNNAIKRAKDNGFMVLTEVGKKMPDKDKQLTIDDRIKLINFDLDA
GADYVIIEGRESGKGKGLFDKEGKVKENELDVLAKNVDINKVIFEAPQKSQQVAFILKFGSSVNLANIAFDEVISLETLR
RGLRGDTFGKV
;
_entity_poly.pdbx_strand_id   A
#
loop_
_chem_comp.id
_chem_comp.type
_chem_comp.name
_chem_comp.formula
SO4 non-polymer 'SULFATE ION' 'O4 S -2'
#
# COMPACT_ATOMS: atom_id res chain seq x y z
N MET A 1 -11.57 -4.92 -24.46
CA MET A 1 -11.32 -6.37 -24.32
C MET A 1 -9.83 -6.69 -24.35
N LYS A 2 -9.46 -7.77 -23.67
CA LYS A 2 -8.08 -8.20 -23.65
C LYS A 2 -7.75 -9.09 -24.83
N ALA A 3 -6.48 -9.12 -25.19
CA ALA A 3 -6.07 -10.13 -26.17
C ALA A 3 -6.26 -11.52 -25.56
N PHE A 4 -6.51 -12.51 -26.42
CA PHE A 4 -6.76 -13.88 -25.99
C PHE A 4 -7.88 -13.96 -24.93
N GLU A 5 -8.92 -13.15 -25.13
CA GLU A 5 -10.03 -13.06 -24.18
C GLU A 5 -10.68 -14.42 -23.90
N PHE A 6 -10.70 -15.28 -24.92
CA PHE A 6 -11.21 -16.65 -24.77
C PHE A 6 -10.54 -17.53 -23.70
N LEU A 7 -9.35 -17.15 -23.24
CA LEU A 7 -8.65 -17.84 -22.18
C LEU A 7 -8.97 -17.33 -20.81
N TYR A 8 -9.64 -16.19 -20.71
CA TYR A 8 -9.88 -15.55 -19.43
C TYR A 8 -10.87 -16.34 -18.58
N GLU A 9 -10.54 -16.50 -17.30
CA GLU A 9 -11.46 -17.06 -16.33
C GLU A 9 -11.66 -16.05 -15.22
N ASP A 10 -12.91 -15.63 -15.04
CA ASP A 10 -13.29 -14.71 -13.97
C ASP A 10 -12.79 -15.18 -12.59
N PHE A 11 -12.39 -14.24 -11.75
CA PHE A 11 -11.88 -14.58 -10.42
C PHE A 11 -11.98 -13.39 -9.47
N GLN A 12 -11.83 -13.65 -8.17
CA GLN A 12 -11.87 -12.59 -7.17
C GLN A 12 -10.46 -11.99 -7.08
N ARG A 13 -10.33 -10.77 -7.59
CA ARG A 13 -9.03 -10.11 -7.73
C ARG A 13 -8.81 -9.14 -6.56
N GLY A 14 -7.77 -9.38 -5.79
CA GLY A 14 -7.40 -8.48 -4.71
C GLY A 14 -6.88 -7.14 -5.20
N LEU A 15 -6.74 -6.21 -4.25
CA LEU A 15 -6.24 -4.88 -4.54
C LEU A 15 -4.78 -4.92 -4.95
N THR A 16 -4.44 -4.03 -5.86
CA THR A 16 -3.08 -3.74 -6.25
C THR A 16 -2.80 -2.27 -5.90
N VAL A 17 -1.80 -2.05 -5.05
CA VAL A 17 -1.35 -0.72 -4.73
C VAL A 17 0.08 -0.57 -5.25
N VAL A 18 0.30 0.41 -6.12
CA VAL A 18 1.60 0.68 -6.72
C VAL A 18 2.43 1.66 -5.89
N LEU A 19 3.74 1.48 -5.89
CA LEU A 19 4.68 2.49 -5.39
C LEU A 19 5.11 3.32 -6.59
N ASP A 20 4.79 4.59 -6.56
CA ASP A 20 5.30 5.57 -7.52
C ASP A 20 6.33 6.41 -6.78
N LYS A 21 7.60 6.16 -7.06
CA LYS A 21 8.69 6.91 -6.42
C LYS A 21 9.22 8.07 -7.25
N GLY A 22 8.45 8.48 -8.25
CA GLY A 22 8.75 9.68 -9.03
C GLY A 22 8.61 9.54 -10.53
N LEU A 23 7.61 8.79 -11.02
CA LEU A 23 7.43 8.63 -12.45
C LEU A 23 7.14 9.95 -13.15
N PRO A 24 7.69 10.13 -14.35
CA PRO A 24 7.41 11.31 -15.15
C PRO A 24 5.95 11.40 -15.55
N PRO A 25 5.42 12.61 -15.75
CA PRO A 25 3.97 12.80 -15.99
C PRO A 25 3.41 12.17 -17.28
N LYS A 26 4.01 12.44 -18.44
CA LYS A 26 3.51 11.85 -19.69
C LYS A 26 3.70 10.35 -19.69
N PHE A 27 4.74 9.89 -18.99
CA PHE A 27 4.98 8.45 -18.85
C PHE A 27 3.79 7.81 -18.14
N VAL A 28 3.33 8.44 -17.07
CA VAL A 28 2.15 7.93 -16.34
C VAL A 28 0.92 7.84 -17.26
N GLU A 29 0.68 8.87 -18.07
CA GLU A 29 -0.44 8.86 -19.01
C GLU A 29 -0.37 7.67 -19.95
N ASP A 30 0.83 7.42 -20.47
CA ASP A 30 1.08 6.31 -21.38
C ASP A 30 0.98 4.94 -20.68
N TYR A 31 1.62 4.85 -19.55
CA TYR A 31 1.71 3.65 -18.74
C TYR A 31 0.34 3.12 -18.32
N LEU A 32 -0.58 4.01 -18.00
CA LEU A 32 -1.90 3.60 -17.56
C LEU A 32 -2.72 2.98 -18.70
N LYS A 33 -2.36 3.25 -19.95
CA LYS A 33 -3.04 2.61 -21.09
C LYS A 33 -2.72 1.12 -21.18
N VAL A 34 -1.65 0.70 -20.53
CA VAL A 34 -1.32 -0.72 -20.46
C VAL A 34 -1.80 -1.41 -19.19
N CYS A 35 -1.70 -0.74 -18.05
CA CYS A 35 -2.05 -1.44 -16.83
C CYS A 35 -2.90 -0.70 -15.83
N GLY A 36 -3.43 0.45 -16.22
CA GLY A 36 -4.36 1.20 -15.39
C GLY A 36 -5.58 0.42 -14.90
N ASP A 37 -6.02 -0.53 -15.69
CA ASP A 37 -7.15 -1.38 -15.29
C ASP A 37 -6.83 -2.30 -14.11
N TYR A 38 -5.56 -2.50 -13.80
CA TYR A 38 -5.15 -3.38 -12.70
C TYR A 38 -4.56 -2.65 -11.50
N ILE A 39 -4.72 -1.33 -11.42
CA ILE A 39 -4.24 -0.54 -10.29
C ILE A 39 -5.45 0.05 -9.56
N ASP A 40 -5.48 -0.13 -8.24
CA ASP A 40 -6.54 0.45 -7.42
C ASP A 40 -6.10 1.74 -6.78
N PHE A 41 -4.94 1.69 -6.13
CA PHE A 41 -4.38 2.87 -5.48
C PHE A 41 -2.92 3.03 -5.83
N VAL A 42 -2.43 4.26 -5.73
CA VAL A 42 -1.00 4.52 -5.89
C VAL A 42 -0.50 5.36 -4.72
N LYS A 43 0.64 4.98 -4.18
CA LYS A 43 1.33 5.75 -3.15
C LYS A 43 2.47 6.53 -3.79
N PHE A 44 2.45 7.85 -3.62
CA PHE A 44 3.65 8.63 -3.93
C PHE A 44 4.58 8.42 -2.74
N GLY A 45 5.63 7.62 -2.94
CA GLY A 45 6.41 7.08 -1.85
C GLY A 45 6.93 8.14 -0.91
N TRP A 46 6.89 7.83 0.37
CA TRP A 46 7.47 8.64 1.44
C TRP A 46 7.23 10.15 1.19
N GLY A 47 8.27 10.98 1.28
CA GLY A 47 8.14 12.40 1.02
C GLY A 47 8.48 12.84 -0.40
N THR A 48 8.44 11.93 -1.36
CA THR A 48 8.70 12.30 -2.77
C THR A 48 7.81 13.44 -3.27
N SER A 49 6.55 13.47 -2.88
CA SER A 49 5.64 14.53 -3.30
C SER A 49 6.18 15.91 -2.98
N ALA A 50 6.82 16.02 -1.82
CA ALA A 50 7.35 17.26 -1.29
C ALA A 50 8.60 17.76 -2.01
N VAL A 51 9.15 16.97 -2.93
CA VAL A 51 10.27 17.44 -3.74
C VAL A 51 9.89 17.77 -5.20
N ILE A 52 8.67 17.40 -5.58
CA ILE A 52 8.25 17.57 -6.96
C ILE A 52 7.46 18.84 -7.15
N ASP A 53 7.63 19.46 -8.31
CA ASP A 53 6.85 20.62 -8.70
C ASP A 53 5.37 20.39 -8.43
N ARG A 54 4.74 21.38 -7.82
CA ARG A 54 3.35 21.31 -7.42
C ARG A 54 2.36 21.02 -8.56
N ASP A 55 2.53 21.70 -9.69
CA ASP A 55 1.67 21.43 -10.85
C ASP A 55 1.91 20.05 -11.46
N VAL A 56 3.14 19.54 -11.38
CA VAL A 56 3.42 18.19 -11.85
C VAL A 56 2.73 17.17 -10.94
N VAL A 57 2.77 17.40 -9.64
CA VAL A 57 2.03 16.53 -8.71
C VAL A 57 0.54 16.52 -9.04
N LYS A 58 -0.07 17.70 -9.24
CA LYS A 58 -1.49 17.79 -9.57
C LYS A 58 -1.82 17.08 -10.88
N GLU A 59 -0.96 17.30 -11.86
CA GLU A 59 -1.06 16.69 -13.18
C GLU A 59 -1.10 15.16 -13.07
N LYS A 60 -0.18 14.59 -12.31
CA LYS A 60 -0.08 13.13 -12.15
C LYS A 60 -1.30 12.56 -11.47
N ILE A 61 -1.74 13.22 -10.41
CA ILE A 61 -2.94 12.79 -9.70
C ILE A 61 -4.12 12.75 -10.65
N ASN A 62 -4.24 13.73 -11.54
CA ASN A 62 -5.30 13.70 -12.54
C ASN A 62 -5.20 12.55 -13.51
N TYR A 63 -4.00 12.26 -14.01
CA TYR A 63 -3.82 11.10 -14.88
C TYR A 63 -4.28 9.81 -14.22
N TYR A 64 -3.93 9.63 -12.95
CA TYR A 64 -4.37 8.44 -12.22
C TYR A 64 -5.89 8.46 -12.07
N LYS A 65 -6.45 9.65 -11.81
CA LYS A 65 -7.90 9.81 -11.65
C LYS A 65 -8.66 9.42 -12.93
N ASP A 66 -8.04 9.64 -14.09
CA ASP A 66 -8.65 9.24 -15.36
C ASP A 66 -8.81 7.73 -15.49
N TRP A 67 -8.13 6.96 -14.63
CA TRP A 67 -8.27 5.51 -14.60
C TRP A 67 -8.89 5.01 -13.29
N GLY A 68 -9.49 5.92 -12.55
CA GLY A 68 -10.20 5.57 -11.33
C GLY A 68 -9.29 5.17 -10.21
N ILE A 69 -8.08 5.70 -10.22
CA ILE A 69 -7.07 5.34 -9.24
C ILE A 69 -6.95 6.46 -8.22
N LYS A 70 -7.05 6.09 -6.95
CA LYS A 70 -6.87 7.04 -5.86
C LYS A 70 -5.38 7.10 -5.50
N VAL A 71 -4.90 8.28 -5.17
CA VAL A 71 -3.51 8.52 -4.83
C VAL A 71 -3.39 9.06 -3.41
N TYR A 72 -2.36 8.60 -2.68
CA TYR A 72 -2.00 9.14 -1.38
C TYR A 72 -0.51 9.37 -1.26
N PRO A 73 -0.11 10.37 -0.46
CA PRO A 73 1.31 10.53 -0.14
C PRO A 73 1.73 9.55 0.93
N GLY A 74 3.02 9.25 0.99
CA GLY A 74 3.54 8.31 1.96
C GLY A 74 3.32 8.80 3.39
N GLY A 75 3.12 7.82 4.26
CA GLY A 75 2.99 8.04 5.70
C GLY A 75 4.22 8.73 6.29
N THR A 76 5.39 8.50 5.72
CA THR A 76 6.58 9.20 6.17
C THR A 76 6.44 10.71 6.04
N LEU A 77 5.78 11.17 4.99
CA LEU A 77 5.55 12.60 4.84
C LEU A 77 4.57 13.12 5.91
N PHE A 78 3.50 12.36 6.13
CA PHE A 78 2.60 12.66 7.22
C PHE A 78 3.38 12.77 8.53
N GLU A 79 4.28 11.82 8.79
CA GLU A 79 5.01 11.78 10.07
C GLU A 79 5.90 13.01 10.23
N TYR A 80 6.51 13.44 9.13
CA TYR A 80 7.34 14.64 9.18
C TYR A 80 6.50 15.85 9.54
N ALA A 81 5.41 16.04 8.82
CA ALA A 81 4.52 17.18 9.04
C ALA A 81 3.96 17.15 10.46
N TYR A 82 3.52 15.97 10.89
CA TYR A 82 2.97 15.79 12.23
C TYR A 82 3.97 16.20 13.32
N SER A 83 5.23 15.80 13.14
CA SER A 83 6.26 16.04 14.14
C SER A 83 6.61 17.52 14.26
N LYS A 84 6.33 18.28 13.20
CA LYS A 84 6.54 19.73 13.18
C LYS A 84 5.31 20.54 13.60
N GLY A 85 4.25 19.86 14.04
CA GLY A 85 2.95 20.50 14.32
C GLY A 85 2.26 21.15 13.13
N LYS A 86 2.45 20.55 11.95
CA LYS A 86 1.88 21.04 10.71
C LYS A 86 0.94 20.03 10.06
N PHE A 87 0.31 19.17 10.86
CA PHE A 87 -0.65 18.18 10.34
C PHE A 87 -1.83 18.83 9.60
N ASP A 88 -2.41 19.90 10.15
CA ASP A 88 -3.48 20.62 9.47
C ASP A 88 -3.07 21.17 8.10
N GLU A 89 -1.89 21.79 8.03
CA GLU A 89 -1.37 22.35 6.78
C GLU A 89 -1.12 21.20 5.81
N PHE A 90 -0.72 20.05 6.35
CA PHE A 90 -0.54 18.82 5.56
C PHE A 90 -1.86 18.35 4.95
N LEU A 91 -2.93 18.27 5.74
CA LEU A 91 -4.24 17.88 5.19
C LEU A 91 -4.77 18.87 4.17
N ASN A 92 -4.62 20.17 4.45
CA ASN A 92 -5.06 21.20 3.52
C ASN A 92 -4.37 21.11 2.17
N GLU A 93 -3.05 20.91 2.19
CA GLU A 93 -2.27 20.78 0.97
C GLU A 93 -2.68 19.52 0.20
N CYS A 94 -2.89 18.43 0.93
CA CYS A 94 -3.36 17.17 0.32
C CYS A 94 -4.66 17.39 -0.44
N GLU A 95 -5.58 18.12 0.16
CA GLU A 95 -6.86 18.42 -0.47
C GLU A 95 -6.67 19.26 -1.70
N LYS A 96 -5.83 20.29 -1.59
CA LYS A 96 -5.58 21.19 -2.71
C LYS A 96 -4.93 20.49 -3.92
N LEU A 97 -4.05 19.54 -3.64
CA LEU A 97 -3.34 18.81 -4.70
C LEU A 97 -4.18 17.75 -5.36
N GLY A 98 -5.20 17.29 -4.66
CA GLY A 98 -6.14 16.33 -5.19
C GLY A 98 -6.01 14.91 -4.68
N PHE A 99 -5.12 14.66 -3.73
CA PHE A 99 -5.02 13.33 -3.12
C PHE A 99 -6.39 12.96 -2.53
N GLU A 100 -6.85 11.75 -2.82
CA GLU A 100 -8.15 11.27 -2.33
C GLU A 100 -7.99 10.44 -1.06
N ALA A 101 -6.75 10.16 -0.67
CA ALA A 101 -6.46 9.32 0.49
C ALA A 101 -5.21 9.82 1.17
N VAL A 102 -5.05 9.42 2.43
CA VAL A 102 -3.85 9.71 3.21
C VAL A 102 -3.40 8.44 3.92
N GLU A 103 -2.09 8.30 4.13
CA GLU A 103 -1.54 7.18 4.91
C GLU A 103 -1.07 7.72 6.25
N ILE A 104 -1.54 7.09 7.32
CA ILE A 104 -1.11 7.43 8.66
C ILE A 104 -0.19 6.31 9.12
N SER A 105 1.03 6.67 9.51
CA SER A 105 2.01 5.70 9.95
C SER A 105 2.87 6.24 11.09
N ASP A 106 3.65 5.35 11.71
CA ASP A 106 4.60 5.70 12.76
C ASP A 106 5.91 4.93 12.58
N GLY A 107 6.37 4.85 11.34
CA GLY A 107 7.55 4.07 11.00
C GLY A 107 8.86 4.71 11.42
N SER A 108 8.86 6.03 11.55
CA SER A 108 10.09 6.81 11.78
C SER A 108 9.99 7.71 13.00
N SER A 109 8.87 7.64 13.72
CA SER A 109 8.57 8.57 14.81
C SER A 109 7.65 7.91 15.85
N ASP A 110 7.62 8.49 17.04
CA ASP A 110 6.77 8.00 18.11
C ASP A 110 5.44 8.74 18.09
N ILE A 111 4.38 8.02 17.75
CA ILE A 111 3.03 8.52 17.80
C ILE A 111 2.23 7.61 18.74
N SER A 112 1.66 8.19 19.79
CA SER A 112 0.90 7.42 20.76
C SER A 112 -0.37 6.92 20.12
N LEU A 113 -0.99 5.94 20.78
CA LEU A 113 -2.29 5.43 20.35
C LEU A 113 -3.34 6.53 20.24
N GLU A 114 -3.41 7.40 21.25
CA GLU A 114 -4.39 8.48 21.22
C GLU A 114 -4.11 9.44 20.08
N GLU A 115 -2.85 9.77 19.84
CA GLU A 115 -2.48 10.65 18.73
C GLU A 115 -2.83 9.98 17.39
N ARG A 116 -2.60 8.67 17.34
CA ARG A 116 -2.83 7.89 16.11
C ARG A 116 -4.32 7.85 15.78
N ASN A 117 -5.11 7.48 16.79
CA ASN A 117 -6.55 7.48 16.71
C ASN A 117 -7.08 8.84 16.23
N ASN A 118 -6.59 9.91 16.84
CA ASN A 118 -7.08 11.24 16.51
C ASN A 118 -6.68 11.72 15.10
N ALA A 119 -5.51 11.32 14.64
CA ALA A 119 -5.05 11.66 13.29
C ALA A 119 -5.87 10.94 12.23
N ILE A 120 -6.21 9.68 12.49
CA ILE A 120 -7.08 8.91 11.62
C ILE A 120 -8.43 9.59 11.52
N LYS A 121 -9.01 9.91 12.67
CA LYS A 121 -10.33 10.57 12.70
C LYS A 121 -10.33 11.94 12.02
N ARG A 122 -9.27 12.72 12.21
CA ARG A 122 -9.18 14.03 11.58
C ARG A 122 -9.11 13.91 10.06
N ALA A 123 -8.32 12.96 9.58
CA ALA A 123 -8.22 12.71 8.13
C ALA A 123 -9.57 12.26 7.57
N LYS A 124 -10.23 11.33 8.25
CA LYS A 124 -11.57 10.88 7.84
C LYS A 124 -12.59 12.03 7.82
N ASP A 125 -12.58 12.85 8.86
CA ASP A 125 -13.50 13.99 8.96
C ASP A 125 -13.33 14.97 7.79
N ASN A 126 -12.13 14.99 7.21
CA ASN A 126 -11.80 15.88 6.09
C ASN A 126 -12.03 15.27 4.71
N GLY A 127 -12.62 14.08 4.68
CA GLY A 127 -13.10 13.47 3.47
C GLY A 127 -12.11 12.53 2.80
N PHE A 128 -11.00 12.25 3.45
CA PHE A 128 -10.01 11.32 2.88
C PHE A 128 -10.34 9.86 3.17
N MET A 129 -10.04 8.99 2.22
CA MET A 129 -9.87 7.58 2.55
C MET A 129 -8.61 7.51 3.38
N VAL A 130 -8.57 6.63 4.38
CA VAL A 130 -7.41 6.50 5.23
C VAL A 130 -6.86 5.08 5.20
N LEU A 131 -5.58 4.97 4.88
CA LEU A 131 -4.87 3.73 5.00
C LEU A 131 -3.86 3.92 6.11
N THR A 132 -3.83 3.03 7.09
CA THR A 132 -2.77 3.12 8.09
C THR A 132 -1.70 2.12 7.76
N GLU A 133 -0.59 2.20 8.49
CA GLU A 133 0.52 1.29 8.27
C GLU A 133 1.06 0.83 9.61
N VAL A 134 1.26 -0.47 9.73
CA VAL A 134 1.81 -1.12 10.91
C VAL A 134 3.22 -1.58 10.62
N GLY A 135 4.17 -1.11 11.42
CA GLY A 135 5.56 -1.45 11.27
C GLY A 135 6.45 -0.25 11.52
N LYS A 136 7.72 -0.55 11.76
CA LYS A 136 8.79 0.45 11.96
C LYS A 136 9.84 0.31 10.84
N LYS A 137 10.41 1.42 10.40
CA LYS A 137 11.38 1.43 9.31
C LYS A 137 12.68 0.70 9.67
N MET A 138 13.15 0.93 10.90
CA MET A 138 14.46 0.41 11.33
C MET A 138 14.29 -0.91 12.06
N PRO A 139 15.10 -1.90 11.70
CA PRO A 139 14.98 -3.25 12.26
C PRO A 139 15.04 -3.32 13.79
N ASP A 140 15.81 -2.46 14.46
CA ASP A 140 15.89 -2.47 15.92
C ASP A 140 14.55 -2.10 16.58
N LYS A 141 13.81 -1.19 15.94
CA LYS A 141 12.49 -0.80 16.42
C LYS A 141 11.44 -1.81 15.96
N ASP A 142 11.51 -2.21 14.70
CA ASP A 142 10.50 -3.12 14.17
C ASP A 142 10.48 -4.47 14.89
N LYS A 143 11.65 -4.94 15.32
CA LYS A 143 11.76 -6.21 16.03
C LYS A 143 10.97 -6.24 17.34
N GLN A 144 10.76 -5.06 17.94
CA GLN A 144 10.03 -4.94 19.21
C GLN A 144 8.52 -5.13 19.05
N LEU A 145 8.04 -5.07 17.81
CA LEU A 145 6.64 -5.39 17.50
C LEU A 145 6.47 -6.88 17.28
N THR A 146 5.73 -7.52 18.17
CA THR A 146 5.40 -8.94 18.02
C THR A 146 4.22 -9.04 17.06
N ILE A 147 3.90 -10.24 16.63
CA ILE A 147 2.76 -10.42 15.74
C ILE A 147 1.49 -10.01 16.44
N ASP A 148 1.36 -10.31 17.73
CA ASP A 148 0.15 -9.97 18.47
C ASP A 148 0.01 -8.45 18.58
N ASP A 149 1.14 -7.77 18.71
CA ASP A 149 1.18 -6.30 18.68
C ASP A 149 0.62 -5.78 17.36
N ARG A 150 1.00 -6.39 16.25
CA ARG A 150 0.57 -5.93 14.92
C ARG A 150 -0.94 -6.13 14.75
N ILE A 151 -1.44 -7.27 15.22
CA ILE A 151 -2.85 -7.61 15.15
C ILE A 151 -3.67 -6.62 15.96
N LYS A 152 -3.23 -6.32 17.18
CA LYS A 152 -3.91 -5.35 18.01
C LYS A 152 -3.96 -3.98 17.34
N LEU A 153 -2.86 -3.57 16.70
CA LEU A 153 -2.83 -2.27 16.03
C LEU A 153 -3.72 -2.22 14.78
N ILE A 154 -3.80 -3.32 14.04
CA ILE A 154 -4.70 -3.40 12.89
C ILE A 154 -6.12 -3.09 13.32
N ASN A 155 -6.58 -3.78 14.36
CA ASN A 155 -7.96 -3.60 14.80
C ASN A 155 -8.21 -2.24 15.48
N PHE A 156 -7.19 -1.71 16.13
CA PHE A 156 -7.24 -0.35 16.68
C PHE A 156 -7.45 0.65 15.55
N ASP A 157 -6.72 0.47 14.46
CA ASP A 157 -6.83 1.40 13.36
C ASP A 157 -8.19 1.33 12.68
N LEU A 158 -8.70 0.11 12.52
CA LEU A 158 -10.03 -0.10 11.97
C LEU A 158 -11.09 0.53 12.88
N ASP A 159 -10.95 0.36 14.19
CA ASP A 159 -11.87 0.96 15.17
C ASP A 159 -11.92 2.47 15.00
N ALA A 160 -10.77 3.06 14.69
CA ALA A 160 -10.65 4.51 14.56
C ALA A 160 -11.24 5.06 13.28
N GLY A 161 -11.48 4.18 12.31
CA GLY A 161 -12.09 4.54 11.05
C GLY A 161 -11.22 4.31 9.82
N ALA A 162 -10.08 3.65 9.99
CA ALA A 162 -9.23 3.35 8.85
C ALA A 162 -9.98 2.48 7.83
N ASP A 163 -9.77 2.77 6.55
CA ASP A 163 -10.37 1.97 5.48
C ASP A 163 -9.61 0.68 5.23
N TYR A 164 -8.28 0.77 5.30
CA TYR A 164 -7.38 -0.36 5.16
C TYR A 164 -6.16 -0.21 6.06
N VAL A 165 -5.52 -1.33 6.37
CA VAL A 165 -4.29 -1.32 7.15
C VAL A 165 -3.21 -2.03 6.35
N ILE A 166 -2.07 -1.35 6.17
CA ILE A 166 -0.97 -1.87 5.39
C ILE A 166 0.05 -2.51 6.32
N ILE A 167 0.50 -3.71 5.97
CA ILE A 167 1.56 -4.38 6.71
C ILE A 167 2.88 -4.02 6.04
N GLU A 168 3.73 -3.33 6.76
CA GLU A 168 4.95 -2.75 6.20
C GLU A 168 6.03 -3.77 5.88
N GLY A 169 6.63 -3.62 4.69
CA GLY A 169 7.81 -4.37 4.30
C GLY A 169 8.90 -3.52 3.61
N ARG A 170 8.67 -2.21 3.48
CA ARG A 170 9.53 -1.28 2.73
C ARG A 170 9.60 -1.63 1.24
N GLU A 171 10.23 -0.76 0.44
CA GLU A 171 10.45 -1.07 -0.97
C GLU A 171 11.36 -2.29 -1.14
N SER A 172 12.27 -2.52 -0.19
CA SER A 172 13.21 -3.65 -0.30
C SER A 172 12.55 -4.99 -0.04
N GLY A 173 11.57 -4.99 0.87
CA GLY A 173 10.97 -6.23 1.33
C GLY A 173 11.95 -7.09 2.09
N LYS A 174 12.92 -6.48 2.79
CA LYS A 174 13.94 -7.24 3.52
C LYS A 174 14.02 -6.81 4.97
N GLY A 175 13.97 -7.79 5.88
CA GLY A 175 14.37 -7.61 7.26
C GLY A 175 13.39 -6.81 8.11
N LYS A 176 12.15 -6.73 7.65
CA LYS A 176 11.16 -5.87 8.26
C LYS A 176 9.76 -6.50 8.10
N GLY A 177 8.96 -6.45 9.17
CA GLY A 177 7.61 -6.97 9.15
C GLY A 177 7.59 -8.47 9.01
N LEU A 178 6.88 -8.96 8.00
CA LEU A 178 6.76 -10.40 7.75
C LEU A 178 7.96 -11.00 7.02
N PHE A 179 8.95 -10.20 6.63
CA PHE A 179 10.06 -10.72 5.83
C PHE A 179 11.38 -10.81 6.61
N ASP A 180 12.08 -11.90 6.43
CA ASP A 180 13.39 -12.07 7.06
C ASP A 180 14.45 -11.29 6.30
N LYS A 181 15.71 -11.35 6.74
CA LYS A 181 16.80 -10.64 6.11
C LYS A 181 16.98 -10.94 4.63
N GLU A 182 16.63 -12.16 4.20
CA GLU A 182 16.71 -12.55 2.78
C GLU A 182 15.42 -12.30 1.98
N GLY A 183 14.42 -11.67 2.62
CA GLY A 183 13.17 -11.35 1.99
C GLY A 183 12.16 -12.49 1.94
N LYS A 184 12.41 -13.58 2.65
CA LYS A 184 11.46 -14.69 2.67
C LYS A 184 10.35 -14.46 3.69
N VAL A 185 9.13 -14.80 3.31
CA VAL A 185 7.96 -14.67 4.18
C VAL A 185 8.09 -15.59 5.38
N LYS A 186 7.79 -15.05 6.56
CA LYS A 186 7.77 -15.79 7.81
C LYS A 186 6.40 -16.45 7.91
N GLU A 187 6.35 -17.74 7.55
CA GLU A 187 5.10 -18.47 7.40
C GLU A 187 4.28 -18.56 8.69
N ASN A 188 4.95 -18.74 9.82
CA ASN A 188 4.26 -18.93 11.10
C ASN A 188 3.58 -17.62 11.51
N GLU A 189 4.34 -16.54 11.44
CA GLU A 189 3.84 -15.19 11.71
C GLU A 189 2.62 -14.87 10.86
N LEU A 190 2.69 -15.25 9.58
CA LEU A 190 1.62 -15.01 8.63
C LEU A 190 0.35 -15.83 8.92
N ASP A 191 0.52 -17.05 9.44
CA ASP A 191 -0.62 -17.89 9.83
C ASP A 191 -1.39 -17.25 10.98
N VAL A 192 -0.66 -16.64 11.91
CA VAL A 192 -1.27 -16.04 13.08
C VAL A 192 -2.12 -14.82 12.67
N LEU A 193 -1.74 -14.16 11.58
CA LEU A 193 -2.60 -13.11 10.97
C LEU A 193 -3.83 -13.66 10.27
N ALA A 194 -3.65 -14.72 9.50
CA ALA A 194 -4.71 -15.34 8.74
C ALA A 194 -5.87 -15.76 9.64
N LYS A 195 -5.55 -16.14 10.86
CA LYS A 195 -6.60 -16.65 11.73
C LYS A 195 -7.14 -15.62 12.74
N ASN A 196 -6.58 -14.40 12.75
CA ASN A 196 -6.97 -13.40 13.75
C ASN A 196 -7.55 -12.07 13.24
N VAL A 197 -7.40 -11.75 11.96
CA VAL A 197 -7.91 -10.48 11.42
C VAL A 197 -8.67 -10.69 10.10
N ASP A 198 -9.48 -9.70 9.73
CA ASP A 198 -10.17 -9.67 8.46
C ASP A 198 -9.17 -9.31 7.35
N ILE A 199 -8.75 -10.32 6.60
CA ILE A 199 -7.68 -10.17 5.60
C ILE A 199 -8.11 -9.22 4.51
N ASN A 200 -9.40 -9.15 4.23
CA ASN A 200 -9.90 -8.18 3.27
C ASN A 200 -9.65 -6.70 3.61
N LYS A 201 -9.36 -6.43 4.88
CA LYS A 201 -9.09 -5.07 5.35
C LYS A 201 -7.60 -4.78 5.40
N VAL A 202 -6.79 -5.79 5.13
CA VAL A 202 -5.34 -5.71 5.23
C VAL A 202 -4.71 -5.70 3.82
N ILE A 203 -3.66 -4.90 3.67
CA ILE A 203 -2.89 -4.85 2.42
C ILE A 203 -1.45 -5.16 2.77
N PHE A 204 -0.88 -6.19 2.14
CA PHE A 204 0.47 -6.60 2.42
C PHE A 204 1.47 -5.97 1.44
N GLU A 205 2.43 -5.22 1.93
CA GLU A 205 3.51 -4.75 1.07
C GLU A 205 4.28 -5.99 0.61
N ALA A 206 4.51 -6.10 -0.70
CA ALA A 206 5.10 -7.29 -1.31
C ALA A 206 5.87 -6.86 -2.58
N PRO A 207 6.92 -6.09 -2.39
CA PRO A 207 7.68 -5.52 -3.52
C PRO A 207 8.39 -6.56 -4.39
N GLN A 208 8.75 -7.71 -3.81
CA GLN A 208 9.45 -8.75 -4.57
C GLN A 208 8.47 -9.73 -5.20
N LYS A 209 8.73 -10.15 -6.43
CA LYS A 209 7.87 -11.15 -7.06
C LYS A 209 7.69 -12.41 -6.20
N SER A 210 8.76 -12.86 -5.54
CA SER A 210 8.69 -14.07 -4.71
C SER A 210 7.71 -13.89 -3.55
N GLN A 211 7.58 -12.65 -3.07
CA GLN A 211 6.63 -12.33 -1.99
C GLN A 211 5.21 -12.34 -2.52
N GLN A 212 5.00 -11.76 -3.70
CA GLN A 212 3.70 -11.76 -4.33
C GLN A 212 3.22 -13.20 -4.56
N VAL A 213 4.14 -14.05 -4.99
CA VAL A 213 3.82 -15.47 -5.22
C VAL A 213 3.44 -16.12 -3.89
N ALA A 214 4.21 -15.87 -2.84
CA ALA A 214 3.94 -16.48 -1.54
C ALA A 214 2.57 -16.05 -1.03
N PHE A 215 2.24 -14.77 -1.15
CA PHE A 215 0.94 -14.28 -0.67
C PHE A 215 -0.21 -14.83 -1.49
N ILE A 216 -0.05 -14.94 -2.81
CA ILE A 216 -1.10 -15.49 -3.68
C ILE A 216 -1.32 -16.98 -3.37
N LEU A 217 -0.25 -17.72 -3.17
CA LEU A 217 -0.41 -19.15 -2.89
C LEU A 217 -1.03 -19.38 -1.52
N LYS A 218 -0.81 -18.46 -0.58
CA LYS A 218 -1.34 -18.63 0.79
C LYS A 218 -2.79 -18.19 0.91
N PHE A 219 -3.09 -16.99 0.41
CA PHE A 219 -4.40 -16.37 0.60
C PHE A 219 -5.29 -16.42 -0.62
N GLY A 220 -4.71 -16.70 -1.79
CA GLY A 220 -5.42 -16.68 -3.04
C GLY A 220 -5.18 -15.40 -3.82
N SER A 221 -5.72 -15.34 -5.03
CA SER A 221 -5.56 -14.20 -5.93
C SER A 221 -6.38 -13.01 -5.49
N SER A 222 -7.18 -13.24 -4.46
CA SER A 222 -7.98 -12.20 -3.85
C SER A 222 -7.18 -11.37 -2.82
N VAL A 223 -5.91 -11.72 -2.61
CA VAL A 223 -5.07 -11.05 -1.62
C VAL A 223 -4.78 -9.60 -2.05
N ASN A 224 -4.77 -8.69 -1.08
CA ASN A 224 -4.45 -7.29 -1.35
C ASN A 224 -2.96 -7.04 -1.16
N LEU A 225 -2.32 -6.43 -2.16
CA LEU A 225 -0.87 -6.26 -2.15
C LEU A 225 -0.49 -4.81 -2.45
N ALA A 226 0.61 -4.35 -1.83
CA ALA A 226 1.08 -2.97 -1.97
C ALA A 226 2.59 -2.93 -2.25
N ASN A 227 3.09 -1.74 -2.52
CA ASN A 227 4.47 -1.53 -2.97
C ASN A 227 4.82 -2.35 -4.21
N ILE A 228 3.84 -2.56 -5.07
CA ILE A 228 4.07 -3.23 -6.35
C ILE A 228 4.82 -2.23 -7.22
N ALA A 229 5.99 -2.64 -7.73
CA ALA A 229 6.73 -1.81 -8.69
C ALA A 229 5.86 -1.51 -9.89
N PHE A 230 5.98 -0.31 -10.44
CA PHE A 230 5.12 0.13 -11.53
C PHE A 230 5.22 -0.83 -12.71
N ASP A 231 6.42 -1.35 -12.94
CA ASP A 231 6.66 -2.24 -14.09
C ASP A 231 6.35 -3.68 -13.80
N GLU A 232 5.77 -3.98 -12.63
CA GLU A 232 5.35 -5.35 -12.30
C GLU A 232 3.84 -5.51 -12.05
N VAL A 233 3.06 -4.49 -12.41
CA VAL A 233 1.60 -4.56 -12.32
C VAL A 233 1.05 -5.62 -13.25
N ILE A 234 1.53 -5.64 -14.49
CA ILE A 234 1.13 -6.67 -15.47
C ILE A 234 1.57 -8.05 -15.00
N SER A 235 2.82 -8.17 -14.53
CA SER A 235 3.33 -9.42 -13.99
C SER A 235 2.41 -9.92 -12.87
N LEU A 236 2.08 -9.01 -11.96
CA LEU A 236 1.23 -9.38 -10.83
C LEU A 236 -0.13 -9.93 -11.29
N GLU A 237 -0.76 -9.29 -12.26
CA GLU A 237 -2.03 -9.79 -12.81
C GLU A 237 -1.84 -11.16 -13.44
N THR A 238 -0.75 -11.37 -14.17
CA THR A 238 -0.52 -12.72 -14.72
C THR A 238 -0.34 -13.75 -13.60
N LEU A 239 0.30 -13.37 -12.49
CA LEU A 239 0.47 -14.28 -11.37
C LEU A 239 -0.89 -14.65 -10.78
N ARG A 240 -1.76 -13.66 -10.65
CA ARG A 240 -3.11 -13.89 -10.10
C ARG A 240 -3.90 -14.85 -10.98
N ARG A 241 -3.60 -14.81 -12.28
CA ARG A 241 -4.31 -15.63 -13.27
C ARG A 241 -3.65 -16.96 -13.61
N GLY A 242 -2.49 -17.27 -13.02
CA GLY A 242 -1.78 -18.51 -13.31
C GLY A 242 -1.16 -18.50 -14.68
N LEU A 243 -0.81 -17.32 -15.16
CA LEU A 243 -0.25 -17.16 -16.51
C LEU A 243 1.23 -16.77 -16.47
N ARG A 244 1.85 -16.93 -15.32
CA ARG A 244 3.29 -16.91 -15.21
C ARG A 244 3.71 -18.22 -14.54
N GLY A 245 4.90 -18.71 -14.85
CA GLY A 245 5.35 -20.00 -14.35
C GLY A 245 5.15 -20.29 -12.85
N ASP A 246 5.34 -19.26 -12.03
CA ASP A 246 5.30 -19.45 -10.57
C ASP A 246 3.96 -19.90 -10.03
N THR A 247 2.88 -19.50 -10.69
CA THR A 247 1.54 -19.87 -10.24
C THR A 247 0.72 -20.67 -11.25
N PHE A 248 1.34 -21.11 -12.35
CA PHE A 248 0.67 -21.92 -13.37
C PHE A 248 0.05 -23.16 -12.74
N GLY A 249 -1.26 -23.33 -12.91
CA GLY A 249 -1.97 -24.50 -12.39
C GLY A 249 -2.16 -24.53 -10.88
N LYS A 250 -1.83 -23.44 -10.19
CA LYS A 250 -1.82 -23.42 -8.72
C LYS A 250 -2.84 -22.44 -8.14
N VAL A 251 -3.55 -21.74 -9.01
CA VAL A 251 -4.44 -20.66 -8.62
C VAL A 251 -5.89 -21.02 -8.95
S SO4 B . 10.74 2.72 1.99
O1 SO4 B . 10.38 2.07 3.27
O2 SO4 B . 11.50 1.77 1.14
O3 SO4 B . 9.50 3.13 1.33
O4 SO4 B . 11.52 3.94 2.20
S SO4 C . 6.26 5.50 3.07
O1 SO4 C . 5.43 4.42 3.54
O2 SO4 C . 6.37 5.44 1.61
O3 SO4 C . 5.64 6.71 3.49
O4 SO4 C . 7.56 5.41 3.68
S SO4 D . -4.29 25.65 -5.15
O1 SO4 D . -5.57 25.42 -4.49
O2 SO4 D . -3.76 24.35 -5.52
O3 SO4 D . -4.50 26.43 -6.37
O4 SO4 D . -3.40 26.37 -4.25
#